data_4M86
#
_entry.id   4M86
#
_cell.length_a   91.609
_cell.length_b   91.609
_cell.length_c   241.500
_cell.angle_alpha   90.00
_cell.angle_beta   90.00
_cell.angle_gamma   120.00
#
_symmetry.space_group_name_H-M   'P 61 2 2'
#
loop_
_entity.id
_entity.type
_entity.pdbx_description
1 polymer 'Enoyl-[acyl-carrier-protein] reductase [NADH]'
2 water water
#
_entity_poly.entity_id   1
_entity_poly.type   'polypeptide(L)'
_entity_poly.pdbx_seq_one_letter_code
;MGFLQGKKILITGMISERSIAYGIAKACREQGAELAFTYVVDKLEERVRKMAAELDSELVFRCDVASDDEINQVFADLGK
HWDGLDGLVHSIGFAPKEALSGDFLDSISREAFNTAHEISAYSLPALAKAARPMMRGRNSAIVALSYLGAVRAIPNYNVM
GMAKASLEAGIRFTAACLGKEGIRCNGISAGPIKTLAASGIADFGKLLGHVAAHNPLRRNVTIEEVGNTAAFLLSDLSSG
ITGEITYVDGGYSINALSTEG
;
_entity_poly.pdbx_strand_id   A,B
#
# COMPACT_ATOMS: atom_id res chain seq x y z
N GLY A 2 -17.17 -6.42 -9.10
CA GLY A 2 -16.04 -5.64 -8.50
C GLY A 2 -15.49 -6.29 -7.23
N PHE A 3 -14.33 -5.85 -6.75
CA PHE A 3 -13.69 -6.55 -5.62
C PHE A 3 -14.20 -6.13 -4.23
N LEU A 4 -15.20 -5.26 -4.19
CA LEU A 4 -15.92 -4.95 -2.96
C LEU A 4 -17.40 -5.38 -3.06
N GLN A 5 -17.69 -6.31 -3.95
CA GLN A 5 -19.09 -6.68 -4.25
C GLN A 5 -19.86 -7.09 -2.99
N GLY A 6 -20.94 -6.39 -2.68
CA GLY A 6 -21.72 -6.68 -1.48
C GLY A 6 -21.15 -6.15 -0.16
N LYS A 7 -19.92 -5.62 -0.17
CA LYS A 7 -19.33 -5.04 1.05
C LYS A 7 -20.13 -3.83 1.46
N LYS A 8 -20.36 -3.70 2.76
CA LYS A 8 -21.13 -2.62 3.32
C LYS A 8 -20.20 -1.68 4.07
N ILE A 9 -20.15 -0.42 3.63
CA ILE A 9 -19.12 0.52 4.04
C ILE A 9 -19.70 1.86 4.49
N LEU A 10 -19.34 2.27 5.70
CA LEU A 10 -19.73 3.58 6.22
C LEU A 10 -18.60 4.59 6.01
N ILE A 11 -18.96 5.73 5.42
CA ILE A 11 -18.01 6.75 5.02
C ILE A 11 -18.31 8.07 5.70
N THR A 12 -17.30 8.58 6.41
CA THR A 12 -17.35 9.89 7.02
C THR A 12 -16.68 10.93 6.13
N GLY A 13 -17.00 12.19 6.38
CA GLY A 13 -16.30 13.32 5.80
C GLY A 13 -16.61 13.67 4.36
N MET A 14 -17.69 13.13 3.80
CA MET A 14 -18.06 13.48 2.42
C MET A 14 -18.96 14.73 2.41
N ILE A 15 -18.34 15.89 2.21
CA ILE A 15 -19.06 17.16 2.24
C ILE A 15 -19.26 17.75 0.85
N SER A 16 -18.51 17.28 -0.14
CA SER A 16 -18.71 17.68 -1.53
C SER A 16 -18.07 16.69 -2.49
N GLU A 17 -18.25 16.94 -3.79
CA GLU A 17 -17.64 16.10 -4.82
C GLU A 17 -16.12 16.29 -4.95
N ARG A 18 -15.62 17.38 -4.37
CA ARG A 18 -14.17 17.61 -4.24
C ARG A 18 -13.54 16.81 -3.09
N SER A 19 -14.35 16.40 -2.11
CA SER A 19 -13.84 15.73 -0.91
C SER A 19 -13.11 14.44 -1.20
N ILE A 20 -12.06 14.17 -0.42
CA ILE A 20 -11.39 12.87 -0.46
C ILE A 20 -12.40 11.74 -0.27
N ALA A 21 -13.33 11.92 0.66
CA ALA A 21 -14.32 10.88 0.97
C ALA A 21 -15.22 10.56 -0.23
N TYR A 22 -15.51 11.57 -1.05
CA TYR A 22 -16.27 11.34 -2.26
C TYR A 22 -15.49 10.46 -3.24
N GLY A 23 -14.22 10.77 -3.43
CA GLY A 23 -13.35 9.95 -4.27
C GLY A 23 -13.34 8.49 -3.79
N ILE A 24 -13.29 8.31 -2.47
CA ILE A 24 -13.35 6.99 -1.85
C ILE A 24 -14.71 6.31 -2.08
N ALA A 25 -15.79 7.06 -1.86
CA ALA A 25 -17.14 6.56 -2.06
C ALA A 25 -17.34 6.06 -3.48
N LYS A 26 -16.96 6.91 -4.42
CA LYS A 26 -17.09 6.59 -5.82
C LYS A 26 -16.27 5.35 -6.21
N ALA A 27 -15.03 5.31 -5.77
CA ALA A 27 -14.16 4.16 -6.02
C ALA A 27 -14.73 2.86 -5.44
N CYS A 28 -15.28 2.94 -4.23
CA CYS A 28 -15.91 1.79 -3.59
C CYS A 28 -17.17 1.36 -4.31
N ARG A 29 -17.98 2.33 -4.73
CA ARG A 29 -19.21 2.02 -5.44
C ARG A 29 -18.92 1.34 -6.76
N GLU A 30 -17.86 1.79 -7.45
CA GLU A 30 -17.44 1.17 -8.70
C GLU A 30 -16.99 -0.30 -8.54
N GLN A 31 -16.58 -0.68 -7.33
CA GLN A 31 -16.18 -2.07 -7.06
C GLN A 31 -17.31 -2.89 -6.44
N GLY A 32 -18.50 -2.30 -6.37
CA GLY A 32 -19.70 -3.01 -5.94
C GLY A 32 -20.10 -2.85 -4.49
N ALA A 33 -19.45 -1.95 -3.76
CA ALA A 33 -19.80 -1.74 -2.35
C ALA A 33 -21.16 -1.07 -2.19
N GLU A 34 -21.82 -1.35 -1.08
CA GLU A 34 -23.02 -0.63 -0.67
C GLU A 34 -22.60 0.35 0.39
N LEU A 35 -23.04 1.58 0.25
CA LEU A 35 -22.51 2.68 1.06
C LEU A 35 -23.51 3.29 2.03
N ALA A 36 -22.97 3.85 3.10
CA ALA A 36 -23.71 4.70 4.01
C ALA A 36 -22.79 5.86 4.38
N PHE A 37 -23.38 6.97 4.85
CA PHE A 37 -22.61 8.19 5.07
C PHE A 37 -23.01 8.91 6.32
N THR A 38 -22.08 9.69 6.86
CA THR A 38 -22.38 10.58 7.96
C THR A 38 -22.29 12.03 7.50
N TYR A 39 -22.98 12.90 8.23
CA TYR A 39 -22.80 14.33 8.06
C TYR A 39 -22.68 15.00 9.42
N VAL A 40 -21.85 16.02 9.49
CA VAL A 40 -21.49 16.61 10.79
C VAL A 40 -22.58 17.55 11.31
N VAL A 41 -23.14 18.38 10.43
CA VAL A 41 -24.14 19.39 10.80
C VAL A 41 -25.39 19.34 9.91
N ASP A 42 -26.52 19.71 10.47
CA ASP A 42 -27.83 19.62 9.80
C ASP A 42 -27.89 20.42 8.50
N LYS A 43 -27.18 21.54 8.46
CA LYS A 43 -27.06 22.34 7.24
C LYS A 43 -26.60 21.53 6.02
N LEU A 44 -25.82 20.48 6.23
CA LEU A 44 -25.26 19.69 5.12
C LEU A 44 -26.11 18.50 4.75
N GLU A 45 -27.13 18.22 5.55
CA GLU A 45 -27.91 16.99 5.37
C GLU A 45 -28.36 16.77 3.93
N GLU A 46 -29.00 17.80 3.36
CA GLU A 46 -29.62 17.68 2.04
C GLU A 46 -28.57 17.39 0.97
N ARG A 47 -27.47 18.13 1.04
CA ARG A 47 -26.36 17.98 0.11
C ARG A 47 -25.76 16.57 0.18
N VAL A 48 -25.65 16.04 1.38
CA VAL A 48 -25.06 14.71 1.57
C VAL A 48 -26.04 13.63 1.11
N ARG A 49 -27.34 13.81 1.39
CA ARG A 49 -28.34 12.87 0.89
C ARG A 49 -28.37 12.82 -0.63
N LYS A 50 -28.15 13.96 -1.26
CA LYS A 50 -28.12 14.04 -2.71
C LYS A 50 -26.93 13.25 -3.25
N MET A 51 -25.75 13.49 -2.69
CA MET A 51 -24.56 12.75 -3.10
C MET A 51 -24.74 11.25 -2.89
N ALA A 52 -25.26 10.87 -1.71
CA ALA A 52 -25.52 9.46 -1.39
C ALA A 52 -26.40 8.81 -2.45
N ALA A 53 -27.49 9.50 -2.80
CA ALA A 53 -28.45 9.00 -3.81
C ALA A 53 -27.81 8.74 -5.16
N GLU A 54 -26.88 9.60 -5.57
CA GLU A 54 -26.15 9.39 -6.82
C GLU A 54 -25.24 8.16 -6.72
N LEU A 55 -24.85 7.83 -5.50
CA LEU A 55 -24.05 6.63 -5.23
C LEU A 55 -24.93 5.47 -4.76
N ASP A 56 -26.22 5.56 -5.05
CA ASP A 56 -27.20 4.47 -4.85
C ASP A 56 -27.46 4.17 -3.37
N SER A 57 -27.28 5.18 -2.52
CA SER A 57 -27.50 5.02 -1.09
C SER A 57 -28.57 5.95 -0.54
N GLU A 58 -29.39 5.41 0.35
CA GLU A 58 -30.34 6.20 1.13
C GLU A 58 -29.98 6.17 2.61
N LEU A 59 -28.74 5.80 2.94
CA LEU A 59 -28.33 5.62 4.33
C LEU A 59 -27.40 6.74 4.75
N VAL A 60 -27.99 7.74 5.41
CA VAL A 60 -27.26 8.93 5.81
C VAL A 60 -27.63 9.29 7.23
N PHE A 61 -26.62 9.61 8.04
CA PHE A 61 -26.79 9.81 9.49
C PHE A 61 -25.99 10.98 9.98
N ARG A 62 -26.54 11.69 10.95
CA ARG A 62 -25.82 12.78 11.57
C ARG A 62 -24.78 12.23 12.53
N CYS A 63 -23.57 12.77 12.45
CA CYS A 63 -22.52 12.38 13.38
C CYS A 63 -21.47 13.47 13.56
N ASP A 64 -21.60 14.21 14.65
CA ASP A 64 -20.56 15.11 15.09
C ASP A 64 -19.66 14.29 16.02
N VAL A 65 -18.42 14.05 15.60
CA VAL A 65 -17.52 13.18 16.38
C VAL A 65 -17.04 13.79 17.68
N ALA A 66 -17.47 15.02 17.96
CA ALA A 66 -17.31 15.60 19.27
C ALA A 66 -18.22 14.89 20.28
N SER A 67 -19.26 14.22 19.79
CA SER A 67 -20.31 13.64 20.63
C SER A 67 -20.30 12.10 20.64
N ASP A 68 -19.95 11.53 21.80
CA ASP A 68 -20.05 10.09 22.00
C ASP A 68 -21.47 9.59 21.77
N ASP A 69 -22.47 10.34 22.21
CA ASP A 69 -23.88 9.97 21.98
C ASP A 69 -24.12 9.79 20.48
N GLU A 70 -23.72 10.78 19.69
CA GLU A 70 -24.01 10.77 18.26
C GLU A 70 -23.25 9.65 17.55
N ILE A 71 -21.99 9.46 17.92
CA ILE A 71 -21.18 8.39 17.35
C ILE A 71 -21.87 7.04 17.55
N ASN A 72 -22.24 6.73 18.79
CA ASN A 72 -22.88 5.45 19.08
C ASN A 72 -24.26 5.32 18.45
N GLN A 73 -24.97 6.44 18.34
CA GLN A 73 -26.30 6.44 17.74
C GLN A 73 -26.24 6.05 16.28
N VAL A 74 -25.17 6.47 15.60
CA VAL A 74 -25.02 6.12 14.18
C VAL A 74 -25.10 4.63 13.98
N PHE A 75 -24.38 3.90 14.82
CA PHE A 75 -24.28 2.45 14.66
C PHE A 75 -25.55 1.74 15.10
N ALA A 76 -26.22 2.30 16.11
CA ALA A 76 -27.55 1.80 16.48
C ALA A 76 -28.52 1.98 15.32
N ASP A 77 -28.52 3.15 14.68
CA ASP A 77 -29.44 3.41 13.57
C ASP A 77 -29.06 2.59 12.35
N LEU A 78 -27.77 2.54 12.05
CA LEU A 78 -27.28 1.77 10.89
C LEU A 78 -27.56 0.28 11.06
N GLY A 79 -27.40 -0.21 12.28
CA GLY A 79 -27.66 -1.62 12.61
C GLY A 79 -29.09 -2.07 12.41
N LYS A 80 -30.03 -1.13 12.31
CA LYS A 80 -31.42 -1.43 11.92
C LYS A 80 -31.54 -1.85 10.47
N HIS A 81 -30.58 -1.43 9.63
CA HIS A 81 -30.62 -1.73 8.19
C HIS A 81 -29.63 -2.80 7.79
N TRP A 82 -28.47 -2.82 8.46
CA TRP A 82 -27.37 -3.72 8.12
C TRP A 82 -27.10 -4.67 9.28
N ASP A 83 -26.96 -5.96 8.99
CA ASP A 83 -26.61 -6.99 9.98
C ASP A 83 -25.21 -6.78 10.57
N GLY A 84 -24.35 -6.12 9.80
CA GLY A 84 -22.95 -5.94 10.11
C GLY A 84 -22.31 -4.89 9.23
N LEU A 85 -21.07 -4.55 9.54
CA LEU A 85 -20.34 -3.50 8.82
C LEU A 85 -18.99 -4.05 8.34
N ASP A 86 -18.76 -3.96 7.04
CA ASP A 86 -17.53 -4.48 6.41
C ASP A 86 -16.43 -3.44 6.27
N GLY A 87 -16.82 -2.17 6.17
CA GLY A 87 -15.84 -1.11 6.00
C GLY A 87 -16.20 0.15 6.76
N LEU A 88 -15.16 0.86 7.18
CA LEU A 88 -15.32 2.12 7.87
C LEU A 88 -14.23 3.08 7.40
N VAL A 89 -14.65 4.25 6.92
CA VAL A 89 -13.73 5.24 6.38
C VAL A 89 -13.78 6.50 7.25
N HIS A 90 -12.63 6.80 7.83
CA HIS A 90 -12.40 7.97 8.64
C HIS A 90 -11.72 8.99 7.73
N SER A 91 -12.45 10.05 7.40
CA SER A 91 -11.89 11.11 6.56
C SER A 91 -12.32 12.47 7.09
N ILE A 92 -11.98 12.71 8.34
CA ILE A 92 -12.38 13.90 9.06
C ILE A 92 -11.21 14.45 9.87
N GLY A 93 -11.12 15.77 9.92
CA GLY A 93 -10.10 16.45 10.70
C GLY A 93 -10.46 17.91 10.81
N PHE A 94 -10.04 18.55 11.91
CA PHE A 94 -10.31 19.96 12.08
C PHE A 94 -9.34 20.56 13.07
N ALA A 95 -8.94 21.79 12.79
CA ALA A 95 -8.28 22.65 13.77
C ALA A 95 -8.68 24.08 13.45
N PRO A 96 -8.78 24.93 14.48
CA PRO A 96 -9.07 26.35 14.24
C PRO A 96 -8.10 26.95 13.23
N LYS A 97 -8.64 27.71 12.27
CA LYS A 97 -7.87 28.27 11.18
C LYS A 97 -6.63 29.03 11.63
N GLU A 98 -6.76 29.78 12.72
CA GLU A 98 -5.64 30.60 13.28
C GLU A 98 -4.41 29.79 13.66
N ALA A 99 -4.63 28.53 14.03
CA ALA A 99 -3.55 27.64 14.44
C ALA A 99 -2.84 27.01 13.23
N LEU A 100 -3.38 27.20 12.02
CA LEU A 100 -2.88 26.53 10.82
C LEU A 100 -2.15 27.44 9.83
N SER A 101 -1.56 28.52 10.33
CA SER A 101 -0.61 29.28 9.52
C SER A 101 0.37 30.06 10.40
N GLY A 102 1.49 30.41 9.78
CA GLY A 102 2.51 31.20 10.44
C GLY A 102 3.32 30.41 11.45
N ASP A 103 3.96 31.12 12.36
CA ASP A 103 4.86 30.55 13.33
C ASP A 103 4.15 29.51 14.23
N PHE A 104 4.75 28.33 14.35
CA PHE A 104 4.13 27.18 15.04
C PHE A 104 3.76 27.51 16.48
N LEU A 105 4.70 28.08 17.22
CA LEU A 105 4.47 28.40 18.62
C LEU A 105 3.57 29.61 18.82
N ASP A 106 3.73 30.65 18.02
CA ASP A 106 2.85 31.81 18.10
C ASP A 106 1.39 31.43 17.77
N SER A 107 1.20 30.54 16.80
CA SER A 107 -0.14 30.17 16.34
C SER A 107 -0.83 29.13 17.23
N ILE A 108 -0.07 28.35 17.98
CA ILE A 108 -0.66 27.30 18.81
C ILE A 108 -1.31 27.88 20.06
N SER A 109 -2.32 27.16 20.54
CA SER A 109 -2.91 27.41 21.84
C SER A 109 -3.43 26.09 22.41
N ARG A 110 -3.65 26.09 23.72
CA ARG A 110 -4.20 24.92 24.42
C ARG A 110 -5.51 24.46 23.77
N GLU A 111 -6.42 25.41 23.58
CA GLU A 111 -7.73 25.11 23.02
C GLU A 111 -7.65 24.55 21.60
N ALA A 112 -6.83 25.18 20.76
CA ALA A 112 -6.70 24.70 19.40
C ALA A 112 -6.05 23.30 19.38
N PHE A 113 -5.07 23.08 20.25
CA PHE A 113 -4.44 21.76 20.40
C PHE A 113 -5.50 20.72 20.76
N ASN A 114 -6.29 21.01 21.80
CA ASN A 114 -7.30 20.09 22.29
C ASN A 114 -8.31 19.73 21.23
N THR A 115 -8.85 20.75 20.58
CA THR A 115 -9.81 20.58 19.51
C THR A 115 -9.22 19.75 18.35
N ALA A 116 -8.02 20.11 17.91
CA ALA A 116 -7.40 19.43 16.77
C ALA A 116 -7.22 17.95 17.04
N HIS A 117 -6.75 17.60 18.24
CA HIS A 117 -6.55 16.20 18.58
C HIS A 117 -7.84 15.43 18.80
N GLU A 118 -8.80 16.07 19.42
CA GLU A 118 -10.05 15.40 19.70
C GLU A 118 -10.80 15.05 18.41
N ILE A 119 -10.91 16.02 17.52
CA ILE A 119 -11.68 15.86 16.28
C ILE A 119 -10.91 15.04 15.23
N SER A 120 -9.59 15.23 15.18
CA SER A 120 -8.78 14.66 14.12
C SER A 120 -8.15 13.31 14.45
N ALA A 121 -7.92 13.03 15.73
CA ALA A 121 -7.22 11.82 16.15
C ALA A 121 -8.09 10.92 17.02
N TYR A 122 -8.65 11.46 18.10
CA TYR A 122 -9.47 10.64 18.98
C TYR A 122 -10.65 10.01 18.23
N SER A 123 -11.16 10.73 17.22
CA SER A 123 -12.29 10.26 16.44
C SER A 123 -12.07 8.90 15.77
N LEU A 124 -10.82 8.54 15.49
CA LEU A 124 -10.55 7.24 14.88
C LEU A 124 -10.84 6.08 15.87
N PRO A 125 -10.13 6.05 17.01
CA PRO A 125 -10.52 5.00 17.97
C PRO A 125 -11.96 5.12 18.47
N ALA A 126 -12.52 6.32 18.56
CA ALA A 126 -13.91 6.47 18.98
C ALA A 126 -14.86 5.81 17.98
N LEU A 127 -14.62 6.02 16.70
CA LEU A 127 -15.43 5.36 15.68
C LEU A 127 -15.19 3.85 15.61
N ALA A 128 -13.94 3.43 15.75
CA ALA A 128 -13.62 2.00 15.67
C ALA A 128 -14.27 1.26 16.82
N LYS A 129 -14.19 1.86 18.01
CA LYS A 129 -14.80 1.30 19.20
C LYS A 129 -16.31 1.14 19.04
N ALA A 130 -16.96 2.19 18.55
CA ALA A 130 -18.43 2.19 18.40
C ALA A 130 -18.88 1.22 17.31
N ALA A 131 -18.04 0.99 16.32
CA ALA A 131 -18.34 0.10 15.21
C ALA A 131 -17.98 -1.35 15.49
N ARG A 132 -17.24 -1.59 16.56
CA ARG A 132 -16.63 -2.87 16.81
C ARG A 132 -17.64 -4.05 16.81
N PRO A 133 -18.78 -3.92 17.54
CA PRO A 133 -19.75 -5.03 17.50
C PRO A 133 -20.25 -5.37 16.10
N MET A 134 -20.43 -4.35 15.27
CA MET A 134 -20.88 -4.56 13.90
C MET A 134 -19.79 -5.09 12.97
N MET A 135 -18.52 -4.83 13.28
CA MET A 135 -17.40 -5.14 12.38
C MET A 135 -16.70 -6.46 12.68
N ARG A 136 -16.71 -6.86 13.96
CA ARG A 136 -15.90 -8.00 14.38
C ARG A 136 -16.40 -9.28 13.75
N GLY A 137 -15.46 -10.17 13.44
CA GLY A 137 -15.79 -11.47 12.88
C GLY A 137 -16.09 -11.46 11.40
N ARG A 138 -15.94 -10.31 10.74
CA ARG A 138 -16.34 -10.18 9.34
C ARG A 138 -15.21 -10.07 8.33
N ASN A 139 -13.98 -10.13 8.81
CA ASN A 139 -12.83 -9.80 7.96
C ASN A 139 -13.06 -8.44 7.31
N SER A 140 -13.27 -7.46 8.17
CA SER A 140 -13.68 -6.12 7.80
C SER A 140 -12.47 -5.19 7.89
N ALA A 141 -12.67 -3.92 7.57
CA ALA A 141 -11.53 -3.02 7.45
C ALA A 141 -11.89 -1.57 7.75
N ILE A 142 -10.93 -0.88 8.34
CA ILE A 142 -11.01 0.53 8.61
C ILE A 142 -9.91 1.21 7.83
N VAL A 143 -10.23 2.35 7.22
CA VAL A 143 -9.22 3.20 6.58
C VAL A 143 -9.36 4.61 7.08
N ALA A 144 -8.23 5.22 7.45
CA ALA A 144 -8.18 6.61 7.90
C ALA A 144 -7.21 7.45 7.06
N LEU A 145 -7.53 8.74 6.91
CA LEU A 145 -6.73 9.66 6.14
C LEU A 145 -5.78 10.48 7.02
N SER A 146 -4.51 10.48 6.63
CA SER A 146 -3.47 11.23 7.31
C SER A 146 -2.75 12.11 6.31
N TYR A 147 -1.68 12.75 6.79
CA TYR A 147 -0.93 13.70 6.02
C TYR A 147 0.50 13.77 6.54
N LEU A 148 1.40 14.13 5.64
CA LEU A 148 2.84 14.14 5.89
C LEU A 148 3.28 14.87 7.15
N GLY A 149 2.53 15.88 7.54
CA GLY A 149 2.78 16.61 8.79
C GLY A 149 2.88 15.73 10.04
N ALA A 150 2.33 14.52 9.97
CA ALA A 150 2.48 13.54 11.04
C ALA A 150 3.95 13.25 11.36
N VAL A 151 4.72 13.06 10.29
CA VAL A 151 6.07 12.54 10.40
C VAL A 151 7.15 13.53 9.94
N ARG A 152 6.77 14.68 9.38
CA ARG A 152 7.73 15.73 9.02
C ARG A 152 7.23 17.05 9.54
N ALA A 153 8.16 17.93 9.88
CA ALA A 153 7.81 19.34 10.16
C ALA A 153 7.58 20.01 8.83
N ILE A 154 6.42 20.62 8.67
CA ILE A 154 6.07 21.35 7.46
C ILE A 154 5.50 22.72 7.82
N PRO A 155 5.66 23.69 6.93
CA PRO A 155 5.08 25.01 7.20
C PRO A 155 3.55 24.96 7.16
N ASN A 156 2.95 25.73 8.06
CA ASN A 156 1.51 26.01 8.07
C ASN A 156 0.60 24.89 8.56
N TYR A 157 1.09 23.65 8.66
CA TYR A 157 0.25 22.57 9.16
C TYR A 157 0.20 22.66 10.69
N ASN A 158 1.34 23.01 11.28
CA ASN A 158 1.44 23.35 12.71
C ASN A 158 0.81 22.26 13.60
N VAL A 159 -0.17 22.61 14.42
CA VAL A 159 -0.69 21.69 15.42
C VAL A 159 -1.38 20.47 14.78
N MET A 160 -1.87 20.61 13.55
CA MET A 160 -2.47 19.46 12.85
C MET A 160 -1.46 18.34 12.64
N GLY A 161 -0.19 18.71 12.55
CA GLY A 161 0.88 17.72 12.43
C GLY A 161 0.95 16.81 13.64
N MET A 162 0.84 17.43 14.83
CA MET A 162 0.78 16.68 16.07
C MET A 162 -0.45 15.79 16.11
N ALA A 163 -1.59 16.33 15.67
CA ALA A 163 -2.83 15.57 15.65
C ALA A 163 -2.77 14.37 14.67
N LYS A 164 -2.17 14.56 13.50
CA LYS A 164 -2.03 13.45 12.54
C LYS A 164 -1.05 12.38 13.02
N ALA A 165 0.00 12.78 13.72
CA ALA A 165 0.92 11.82 14.32
C ALA A 165 0.18 10.95 15.35
N SER A 166 -0.64 11.59 16.18
CA SER A 166 -1.51 10.90 17.12
C SER A 166 -2.43 9.92 16.38
N LEU A 167 -3.04 10.39 15.29
CA LEU A 167 -3.89 9.54 14.45
C LEU A 167 -3.15 8.31 13.94
N GLU A 168 -1.95 8.52 13.39
CA GLU A 168 -1.20 7.40 12.81
C GLU A 168 -0.84 6.36 13.87
N ALA A 169 -0.49 6.80 15.07
CA ALA A 169 -0.31 5.88 16.20
C ALA A 169 -1.63 5.16 16.52
N GLY A 170 -2.72 5.90 16.50
CA GLY A 170 -4.06 5.33 16.68
C GLY A 170 -4.39 4.25 15.68
N ILE A 171 -3.90 4.42 14.45
CA ILE A 171 -4.09 3.41 13.43
C ILE A 171 -3.36 2.13 13.79
N ARG A 172 -2.11 2.28 14.24
CA ARG A 172 -1.32 1.13 14.65
C ARG A 172 -1.93 0.41 15.84
N PHE A 173 -2.32 1.17 16.86
CA PHE A 173 -2.88 0.60 18.06
C PHE A 173 -4.22 -0.06 17.79
N THR A 174 -5.04 0.57 16.95
CA THR A 174 -6.31 -0.01 16.57
C THR A 174 -6.09 -1.33 15.83
N ALA A 175 -5.13 -1.33 14.89
CA ALA A 175 -4.82 -2.54 14.14
C ALA A 175 -4.38 -3.68 15.07
N ALA A 176 -3.50 -3.36 16.01
CA ALA A 176 -2.99 -4.35 16.96
C ALA A 176 -4.14 -4.83 17.85
N CYS A 177 -5.08 -3.93 18.14
CA CYS A 177 -6.22 -4.24 19.00
C CYS A 177 -7.19 -5.20 18.33
N LEU A 178 -7.54 -4.93 17.08
CA LEU A 178 -8.66 -5.61 16.44
C LEU A 178 -8.31 -6.74 15.48
N GLY A 179 -7.02 -6.92 15.23
CA GLY A 179 -6.59 -7.91 14.24
C GLY A 179 -7.09 -9.31 14.55
N LYS A 180 -7.03 -9.67 15.83
CA LYS A 180 -7.46 -11.00 16.26
C LYS A 180 -8.96 -11.24 16.00
N GLU A 181 -9.77 -10.19 16.06
CA GLU A 181 -11.21 -10.26 15.70
C GLU A 181 -11.51 -10.14 14.22
N GLY A 182 -10.47 -10.11 13.39
CA GLY A 182 -10.67 -10.03 11.95
C GLY A 182 -11.02 -8.64 11.44
N ILE A 183 -10.54 -7.60 12.12
CA ILE A 183 -10.71 -6.22 11.62
C ILE A 183 -9.34 -5.61 11.39
N ARG A 184 -9.14 -5.08 10.18
CA ARG A 184 -7.90 -4.39 9.84
C ARG A 184 -8.09 -2.89 9.96
N CYS A 185 -6.98 -2.18 10.20
CA CYS A 185 -7.00 -0.73 10.28
C CYS A 185 -5.73 -0.18 9.63
N ASN A 186 -5.93 0.64 8.60
CA ASN A 186 -4.83 1.17 7.82
C ASN A 186 -5.04 2.64 7.53
N GLY A 187 -3.95 3.32 7.20
CA GLY A 187 -4.02 4.71 6.82
C GLY A 187 -3.55 4.98 5.42
N ILE A 188 -3.99 6.12 4.90
CA ILE A 188 -3.46 6.67 3.68
C ILE A 188 -2.95 8.05 4.03
N SER A 189 -1.67 8.28 3.76
CA SER A 189 -1.12 9.62 3.85
C SER A 189 -1.21 10.16 2.42
N ALA A 190 -2.19 11.04 2.23
CA ALA A 190 -2.45 11.62 0.93
C ALA A 190 -1.63 12.87 0.73
N GLY A 191 -1.16 13.06 -0.50
CA GLY A 191 -0.59 14.33 -0.89
C GLY A 191 -1.67 15.40 -0.94
N PRO A 192 -1.26 16.66 -1.06
CA PRO A 192 -2.27 17.71 -1.13
C PRO A 192 -3.15 17.60 -2.38
N ILE A 193 -4.41 17.97 -2.22
CA ILE A 193 -5.44 17.93 -3.27
C ILE A 193 -6.32 19.16 -3.02
N LYS A 194 -6.75 19.85 -4.08
CA LYS A 194 -7.58 21.07 -3.95
C LYS A 194 -8.93 20.85 -3.27
N PHE A 204 -1.83 27.89 -0.59
CA PHE A 204 -2.19 26.52 -0.99
C PHE A 204 -1.92 26.22 -2.47
N GLY A 205 -2.14 27.20 -3.34
CA GLY A 205 -1.82 27.07 -4.76
C GLY A 205 -0.33 26.80 -4.97
N LYS A 206 0.50 27.44 -4.17
CA LYS A 206 1.95 27.24 -4.23
C LYS A 206 2.42 25.94 -3.56
N LEU A 207 1.71 25.45 -2.54
CA LEU A 207 1.98 24.13 -1.97
C LEU A 207 1.83 23.07 -3.06
N LEU A 208 0.67 23.08 -3.72
CA LEU A 208 0.37 22.18 -4.83
C LEU A 208 1.43 22.25 -5.92
N GLY A 209 1.83 23.46 -6.27
CA GLY A 209 2.89 23.69 -7.26
C GLY A 209 4.24 23.17 -6.80
N HIS A 210 4.59 23.41 -5.54
CA HIS A 210 5.83 22.87 -4.98
C HIS A 210 5.88 21.34 -5.09
N VAL A 211 4.76 20.69 -4.75
CA VAL A 211 4.73 19.22 -4.76
C VAL A 211 4.83 18.67 -6.18
N ALA A 212 4.08 19.25 -7.09
CA ALA A 212 4.08 18.83 -8.49
C ALA A 212 5.43 19.06 -9.15
N ALA A 213 6.18 20.06 -8.71
CA ALA A 213 7.53 20.29 -9.24
C ALA A 213 8.56 19.33 -8.63
N HIS A 214 8.28 18.76 -7.46
CA HIS A 214 9.29 18.01 -6.68
C HIS A 214 9.06 16.51 -6.53
N ASN A 215 7.86 16.01 -6.74
CA ASN A 215 7.65 14.58 -6.55
C ASN A 215 8.01 13.78 -7.80
N PRO A 216 8.33 12.48 -7.63
CA PRO A 216 8.67 11.59 -8.74
C PRO A 216 7.71 11.64 -9.91
N LEU A 217 6.42 11.69 -9.64
CA LEU A 217 5.43 11.75 -10.73
C LEU A 217 5.26 13.15 -11.34
N ARG A 218 5.89 14.17 -10.76
CA ARG A 218 5.80 15.53 -11.28
C ARG A 218 4.34 15.98 -11.45
N ARG A 219 3.49 15.60 -10.50
CA ARG A 219 2.10 16.04 -10.47
C ARG A 219 1.48 15.72 -9.12
N ASN A 220 0.37 16.40 -8.86
CA ASN A 220 -0.42 16.16 -7.66
C ASN A 220 -1.29 14.93 -7.85
N VAL A 221 -1.61 14.26 -6.75
CA VAL A 221 -2.50 13.11 -6.81
C VAL A 221 -3.97 13.57 -6.86
N THR A 222 -4.86 12.67 -7.27
CA THR A 222 -6.28 12.97 -7.38
C THR A 222 -7.06 12.22 -6.30
N ILE A 223 -8.31 12.63 -6.11
CA ILE A 223 -9.17 11.92 -5.18
C ILE A 223 -9.51 10.50 -5.67
N GLU A 224 -9.43 10.28 -6.99
CA GLU A 224 -9.62 8.95 -7.57
C GLU A 224 -8.50 8.00 -7.16
N GLU A 225 -7.28 8.53 -7.16
CA GLU A 225 -6.10 7.76 -6.77
C GLU A 225 -6.11 7.42 -5.29
N VAL A 226 -6.52 8.38 -4.47
CA VAL A 226 -6.71 8.14 -3.03
C VAL A 226 -7.86 7.17 -2.85
N GLY A 227 -8.96 7.38 -3.58
CA GLY A 227 -10.14 6.53 -3.52
C GLY A 227 -9.90 5.07 -3.87
N ASN A 228 -9.17 4.83 -4.95
CA ASN A 228 -8.86 3.47 -5.37
C ASN A 228 -7.97 2.73 -4.38
N THR A 229 -7.05 3.47 -3.75
CA THR A 229 -6.18 2.91 -2.72
C THR A 229 -7.01 2.55 -1.50
N ALA A 230 -7.93 3.42 -1.12
CA ALA A 230 -8.87 3.12 -0.03
C ALA A 230 -9.70 1.90 -0.34
N ALA A 231 -10.23 1.81 -1.56
CA ALA A 231 -11.03 0.64 -1.96
C ALA A 231 -10.23 -0.65 -1.79
N PHE A 232 -8.98 -0.62 -2.27
CA PHE A 232 -8.06 -1.75 -2.10
C PHE A 232 -7.88 -2.10 -0.62
N LEU A 233 -7.63 -1.08 0.20
CA LEU A 233 -7.40 -1.30 1.65
C LEU A 233 -8.66 -1.73 2.42
N LEU A 234 -9.83 -1.48 1.83
CA LEU A 234 -11.11 -1.93 2.40
C LEU A 234 -11.46 -3.33 1.91
N SER A 235 -10.81 -3.78 0.85
CA SER A 235 -11.11 -5.10 0.27
C SER A 235 -10.29 -6.25 0.85
N ASP A 236 -10.71 -7.48 0.55
CA ASP A 236 -9.99 -8.69 0.95
C ASP A 236 -8.67 -8.88 0.21
N LEU A 237 -8.50 -8.12 -0.87
CA LEU A 237 -7.23 -8.14 -1.60
C LEU A 237 -6.08 -7.70 -0.70
N SER A 238 -6.39 -6.84 0.26
CA SER A 238 -5.39 -6.31 1.20
C SER A 238 -5.38 -7.03 2.56
N SER A 239 -5.94 -8.25 2.61
CA SER A 239 -6.09 -9.00 3.86
C SER A 239 -4.79 -9.26 4.62
N GLY A 240 -3.64 -9.16 3.94
CA GLY A 240 -2.36 -9.30 4.60
C GLY A 240 -1.78 -8.01 5.17
N ILE A 241 -2.53 -6.92 5.08
CA ILE A 241 -2.03 -5.59 5.41
C ILE A 241 -2.84 -4.97 6.52
N THR A 242 -2.17 -4.60 7.60
CA THR A 242 -2.83 -3.89 8.70
C THR A 242 -1.80 -3.06 9.44
N GLY A 243 -2.27 -1.95 10.01
CA GLY A 243 -1.41 -1.01 10.72
C GLY A 243 -0.48 -0.20 9.83
N GLU A 244 -0.74 -0.22 8.52
CA GLU A 244 0.14 0.38 7.52
C GLU A 244 -0.34 1.80 7.18
N ILE A 245 0.60 2.70 6.97
CA ILE A 245 0.30 3.98 6.37
C ILE A 245 0.84 3.95 4.95
N THR A 246 -0.05 4.02 3.98
CA THR A 246 0.36 4.01 2.59
C THR A 246 0.36 5.42 2.02
N TYR A 247 1.49 5.82 1.44
CA TYR A 247 1.63 7.16 0.90
C TYR A 247 1.08 7.24 -0.54
N VAL A 248 -0.03 7.94 -0.70
CA VAL A 248 -0.56 8.27 -2.03
C VAL A 248 -0.25 9.75 -2.30
N ASP A 249 1.02 10.03 -2.60
CA ASP A 249 1.50 11.39 -2.79
C ASP A 249 2.39 11.51 -4.03
N GLY A 250 2.29 10.54 -4.93
CA GLY A 250 3.15 10.51 -6.12
C GLY A 250 4.62 10.43 -5.78
N GLY A 251 4.95 9.81 -4.64
CA GLY A 251 6.34 9.64 -4.23
C GLY A 251 6.97 10.82 -3.51
N TYR A 252 6.18 11.84 -3.23
CA TYR A 252 6.72 13.07 -2.65
C TYR A 252 7.60 12.81 -1.42
N SER A 253 7.07 12.08 -0.46
CA SER A 253 7.76 11.89 0.83
C SER A 253 9.09 11.18 0.73
N ILE A 254 9.31 10.42 -0.32
CA ILE A 254 10.56 9.67 -0.43
C ILE A 254 11.65 10.42 -1.21
N ASN A 255 11.30 11.58 -1.77
CA ASN A 255 12.27 12.47 -2.46
C ASN A 255 12.89 13.49 -1.53
N ALA A 256 14.12 13.91 -1.83
CA ALA A 256 14.79 14.95 -1.08
C ALA A 256 15.85 15.67 -1.90
N LEU A 257 16.39 16.76 -1.34
CA LEU A 257 17.46 17.58 -1.95
C LEU A 257 17.16 17.97 -3.41
N SER A 258 15.89 18.23 -3.71
CA SER A 258 15.52 18.68 -5.07
C SER A 258 15.51 20.21 -5.13
N THR A 259 16.52 20.78 -5.78
CA THR A 259 16.65 22.24 -5.89
C THR A 259 15.63 22.85 -6.85
N GLY B 2 -11.77 -7.79 -13.93
CA GLY B 2 -10.41 -7.71 -13.34
C GLY B 2 -9.75 -6.40 -13.66
N PHE B 3 -9.00 -5.87 -12.72
CA PHE B 3 -8.41 -4.53 -12.83
C PHE B 3 -7.02 -4.47 -13.50
N LEU B 4 -6.56 -5.59 -14.05
CA LEU B 4 -5.35 -5.60 -14.88
C LEU B 4 -5.67 -5.98 -16.35
N GLN B 5 -6.91 -5.74 -16.77
CA GLN B 5 -7.31 -5.93 -18.17
C GLN B 5 -6.39 -5.13 -19.08
N GLY B 6 -5.85 -5.80 -20.08
CA GLY B 6 -5.02 -5.13 -21.07
C GLY B 6 -3.57 -4.99 -20.64
N LYS B 7 -3.27 -5.34 -19.40
CA LYS B 7 -1.90 -5.24 -18.90
C LYS B 7 -1.03 -6.44 -19.27
N LYS B 8 0.18 -6.11 -19.72
CA LYS B 8 1.18 -7.08 -20.09
C LYS B 8 2.33 -6.99 -19.10
N ILE B 9 2.59 -8.11 -18.41
CA ILE B 9 3.46 -8.11 -17.24
C ILE B 9 4.53 -9.21 -17.31
N LEU B 10 5.79 -8.80 -17.15
CA LEU B 10 6.92 -9.73 -17.08
C LEU B 10 7.26 -10.04 -15.64
N ILE B 11 7.34 -11.33 -15.32
CA ILE B 11 7.53 -11.81 -13.97
C ILE B 11 8.79 -12.66 -13.83
N THR B 12 9.68 -12.21 -12.96
CA THR B 12 10.88 -12.94 -12.63
C THR B 12 10.68 -13.78 -11.37
N GLY B 13 11.53 -14.78 -11.21
CA GLY B 13 11.62 -15.53 -9.97
C GLY B 13 10.56 -16.59 -9.70
N MET B 14 9.79 -16.97 -10.72
CA MET B 14 8.79 -18.01 -10.53
C MET B 14 9.42 -19.38 -10.76
N ILE B 15 9.84 -20.03 -9.67
CA ILE B 15 10.50 -21.32 -9.77
C ILE B 15 9.59 -22.49 -9.33
N SER B 16 8.51 -22.19 -8.63
CA SER B 16 7.52 -23.21 -8.27
C SER B 16 6.21 -22.58 -7.87
N GLU B 17 5.22 -23.42 -7.58
CA GLU B 17 3.90 -22.96 -7.14
C GLU B 17 3.90 -22.43 -5.70
N ARG B 18 4.97 -22.72 -4.96
CA ARG B 18 5.19 -22.14 -3.63
C ARG B 18 5.75 -20.71 -3.70
N SER B 19 6.41 -20.37 -4.81
CA SER B 19 7.15 -19.11 -4.89
C SER B 19 6.21 -17.89 -4.83
N ILE B 20 6.72 -16.83 -4.22
CA ILE B 20 6.01 -15.58 -4.18
C ILE B 20 5.60 -15.16 -5.58
N ALA B 21 6.51 -15.32 -6.56
CA ALA B 21 6.23 -14.89 -7.94
C ALA B 21 5.05 -15.63 -8.55
N TYR B 22 4.86 -16.89 -8.17
CA TYR B 22 3.69 -17.63 -8.60
C TYR B 22 2.41 -17.04 -8.03
N GLY B 23 2.40 -16.74 -6.73
CA GLY B 23 1.26 -16.04 -6.11
C GLY B 23 0.93 -14.77 -6.88
N ILE B 24 1.97 -14.02 -7.26
CA ILE B 24 1.83 -12.78 -8.02
C ILE B 24 1.28 -13.04 -9.43
N ALA B 25 1.86 -14.02 -10.11
CA ALA B 25 1.41 -14.41 -11.45
C ALA B 25 -0.08 -14.79 -11.46
N LYS B 26 -0.45 -15.67 -10.54
CA LYS B 26 -1.82 -16.13 -10.40
C LYS B 26 -2.78 -14.97 -10.10
N ALA B 27 -2.41 -14.12 -9.15
CA ALA B 27 -3.21 -12.94 -8.81
C ALA B 27 -3.40 -12.01 -10.01
N CYS B 28 -2.33 -11.79 -10.76
CA CYS B 28 -2.37 -10.93 -11.93
C CYS B 28 -3.22 -11.55 -13.03
N ARG B 29 -3.09 -12.86 -13.21
CA ARG B 29 -3.86 -13.55 -14.25
C ARG B 29 -5.35 -13.48 -13.92
N GLU B 30 -5.69 -13.61 -12.64
CA GLU B 30 -7.08 -13.51 -12.20
C GLU B 30 -7.69 -12.13 -12.42
N GLN B 31 -6.85 -11.09 -12.53
CA GLN B 31 -7.33 -9.74 -12.81
C GLN B 31 -7.25 -9.37 -14.30
N GLY B 32 -6.89 -10.36 -15.12
CA GLY B 32 -6.93 -10.20 -16.57
C GLY B 32 -5.62 -9.85 -17.25
N ALA B 33 -4.51 -9.90 -16.51
CA ALA B 33 -3.19 -9.59 -17.09
C ALA B 33 -2.74 -10.69 -18.04
N GLU B 34 -1.94 -10.31 -19.03
CA GLU B 34 -1.23 -11.27 -19.86
C GLU B 34 0.20 -11.31 -19.38
N LEU B 35 0.74 -12.52 -19.23
CA LEU B 35 2.00 -12.73 -18.52
C LEU B 35 3.13 -13.25 -19.39
N ALA B 36 4.35 -12.91 -18.97
CA ALA B 36 5.56 -13.51 -19.50
C ALA B 36 6.50 -13.77 -18.32
N PHE B 37 7.46 -14.68 -18.51
CA PHE B 37 8.30 -15.13 -17.40
C PHE B 37 9.75 -15.30 -17.78
N THR B 38 10.63 -15.18 -16.79
CA THR B 38 12.04 -15.51 -16.98
C THR B 38 12.40 -16.75 -16.18
N TYR B 39 13.46 -17.42 -16.59
CA TYR B 39 14.07 -18.48 -15.78
C TYR B 39 15.57 -18.31 -15.82
N VAL B 40 16.22 -18.60 -14.70
CA VAL B 40 17.66 -18.35 -14.54
C VAL B 40 18.52 -19.45 -15.13
N VAL B 41 18.13 -20.71 -14.92
CA VAL B 41 18.94 -21.86 -15.38
C VAL B 41 18.11 -22.83 -16.21
N ASP B 42 18.78 -23.46 -17.16
CA ASP B 42 18.13 -24.28 -18.17
C ASP B 42 17.43 -25.48 -17.58
N LYS B 43 17.95 -26.00 -16.47
CA LYS B 43 17.31 -27.07 -15.71
C LYS B 43 15.84 -26.76 -15.36
N LEU B 44 15.52 -25.49 -15.18
CA LEU B 44 14.16 -25.09 -14.77
C LEU B 44 13.24 -24.79 -15.94
N GLU B 45 13.78 -24.72 -17.15
CA GLU B 45 13.00 -24.25 -18.30
C GLU B 45 11.65 -24.95 -18.43
N GLU B 46 11.67 -26.28 -18.43
CA GLU B 46 10.47 -27.08 -18.66
C GLU B 46 9.41 -26.79 -17.60
N ARG B 47 9.85 -26.79 -16.34
CA ARG B 47 8.98 -26.53 -15.22
C ARG B 47 8.33 -25.15 -15.30
N VAL B 48 9.11 -24.16 -15.73
CA VAL B 48 8.61 -22.79 -15.85
C VAL B 48 7.65 -22.65 -17.04
N ARG B 49 7.97 -23.29 -18.15
CA ARG B 49 7.07 -23.30 -19.30
C ARG B 49 5.73 -23.95 -18.97
N LYS B 50 5.78 -24.99 -18.13
CA LYS B 50 4.55 -25.65 -17.70
C LYS B 50 3.70 -24.70 -16.86
N MET B 51 4.32 -24.07 -15.87
CA MET B 51 3.59 -23.11 -15.04
C MET B 51 3.03 -21.97 -15.88
N ALA B 52 3.84 -21.44 -16.79
CA ALA B 52 3.39 -20.38 -17.70
C ALA B 52 2.14 -20.80 -18.47
N ALA B 53 2.19 -22.00 -19.05
CA ALA B 53 1.06 -22.54 -19.83
C ALA B 53 -0.24 -22.63 -19.03
N GLU B 54 -0.15 -23.00 -17.76
CA GLU B 54 -1.33 -23.04 -16.88
C GLU B 54 -1.86 -21.64 -16.62
N LEU B 55 -0.97 -20.64 -16.73
CA LEU B 55 -1.34 -19.25 -16.62
C LEU B 55 -1.54 -18.60 -18.00
N ASP B 56 -1.77 -19.43 -19.01
CA ASP B 56 -2.14 -19.00 -20.36
C ASP B 56 -1.03 -18.27 -21.11
N SER B 57 0.22 -18.53 -20.74
CA SER B 57 1.36 -17.88 -21.37
C SER B 57 2.31 -18.87 -22.05
N GLU B 58 2.80 -18.47 -23.22
CA GLU B 58 3.87 -19.17 -23.92
C GLU B 58 5.12 -18.31 -23.98
N LEU B 59 5.20 -17.28 -23.15
CA LEU B 59 6.28 -16.31 -23.23
C LEU B 59 7.25 -16.50 -22.07
N VAL B 60 8.32 -17.25 -22.34
CA VAL B 60 9.28 -17.63 -21.30
C VAL B 60 10.68 -17.45 -21.86
N PHE B 61 11.53 -16.80 -21.08
CA PHE B 61 12.85 -16.38 -21.55
C PHE B 61 13.91 -16.66 -20.52
N ARG B 62 15.09 -17.04 -20.98
CA ARG B 62 16.22 -17.25 -20.08
C ARG B 62 16.77 -15.89 -19.71
N CYS B 63 17.02 -15.72 -18.42
CA CYS B 63 17.60 -14.46 -17.96
C CYS B 63 18.39 -14.68 -16.68
N ASP B 64 19.71 -14.77 -16.83
CA ASP B 64 20.61 -14.76 -15.70
C ASP B 64 20.97 -13.30 -15.49
N VAL B 65 20.49 -12.72 -14.38
CA VAL B 65 20.68 -11.29 -14.14
C VAL B 65 22.12 -10.91 -13.84
N ALA B 66 23.00 -11.89 -13.80
CA ALA B 66 24.43 -11.63 -13.79
C ALA B 66 24.90 -11.08 -15.14
N SER B 67 24.12 -11.31 -16.20
CA SER B 67 24.49 -10.97 -17.58
C SER B 67 23.69 -9.82 -18.18
N ASP B 68 24.38 -8.70 -18.45
CA ASP B 68 23.75 -7.57 -19.15
C ASP B 68 23.21 -7.99 -20.51
N ASP B 69 23.96 -8.81 -21.24
CA ASP B 69 23.51 -9.29 -22.55
C ASP B 69 22.18 -10.02 -22.43
N GLU B 70 22.09 -10.95 -21.49
CA GLU B 70 20.87 -11.74 -21.35
C GLU B 70 19.69 -10.87 -20.92
N ILE B 71 19.93 -9.94 -19.99
CA ILE B 71 18.90 -9.03 -19.53
C ILE B 71 18.33 -8.27 -20.74
N ASN B 72 19.20 -7.66 -21.52
CA ASN B 72 18.78 -6.91 -22.72
C ASN B 72 18.07 -7.78 -23.75
N GLN B 73 18.56 -8.99 -23.90
CA GLN B 73 18.00 -9.91 -24.88
C GLN B 73 16.56 -10.25 -24.55
N VAL B 74 16.23 -10.35 -23.27
CA VAL B 74 14.86 -10.65 -22.86
C VAL B 74 13.90 -9.63 -23.47
N PHE B 75 14.28 -8.36 -23.39
CA PHE B 75 13.38 -7.29 -23.83
C PHE B 75 13.34 -7.16 -25.35
N ALA B 76 14.45 -7.44 -26.00
CA ALA B 76 14.47 -7.54 -27.45
C ALA B 76 13.54 -8.67 -27.92
N ASP B 77 13.62 -9.84 -27.27
CA ASP B 77 12.77 -10.97 -27.65
C ASP B 77 11.32 -10.72 -27.31
N LEU B 78 11.08 -10.18 -26.12
CA LEU B 78 9.72 -9.91 -25.69
C LEU B 78 9.05 -8.84 -26.56
N GLY B 79 9.84 -7.85 -26.97
CA GLY B 79 9.37 -6.76 -27.83
C GLY B 79 8.92 -7.20 -29.22
N LYS B 80 9.30 -8.41 -29.64
CA LYS B 80 8.77 -9.01 -30.87
C LYS B 80 7.30 -9.39 -30.73
N HIS B 81 6.86 -9.64 -29.50
CA HIS B 81 5.49 -10.10 -29.23
C HIS B 81 4.61 -9.00 -28.72
N TRP B 82 5.19 -8.13 -27.90
CA TRP B 82 4.46 -7.08 -27.20
C TRP B 82 4.91 -5.70 -27.66
N ASP B 83 3.94 -4.82 -27.91
CA ASP B 83 4.18 -3.42 -28.28
C ASP B 83 4.88 -2.64 -27.18
N GLY B 84 4.67 -3.09 -25.95
CA GLY B 84 5.13 -2.39 -24.76
C GLY B 84 4.99 -3.29 -23.56
N LEU B 85 5.51 -2.82 -22.44
CA LEU B 85 5.48 -3.60 -21.20
C LEU B 85 4.86 -2.76 -20.12
N ASP B 86 3.78 -3.28 -19.54
CA ASP B 86 2.99 -2.55 -18.56
C ASP B 86 3.40 -2.85 -17.14
N GLY B 87 3.94 -4.03 -16.92
CA GLY B 87 4.36 -4.44 -15.59
C GLY B 87 5.63 -5.23 -15.57
N LEU B 88 6.38 -5.06 -14.48
CA LEU B 88 7.63 -5.76 -14.29
C LEU B 88 7.74 -6.15 -12.81
N VAL B 89 7.90 -7.45 -12.58
CA VAL B 89 7.97 -7.97 -11.23
C VAL B 89 9.35 -8.55 -10.99
N HIS B 90 10.02 -7.94 -10.02
CA HIS B 90 11.34 -8.35 -9.57
C HIS B 90 11.10 -9.20 -8.32
N SER B 91 11.35 -10.50 -8.41
CA SER B 91 11.18 -11.38 -7.27
C SER B 91 12.34 -12.35 -7.25
N ILE B 92 13.55 -11.81 -7.26
CA ILE B 92 14.77 -12.59 -7.33
C ILE B 92 15.75 -12.10 -6.30
N GLY B 93 16.44 -13.04 -5.69
CA GLY B 93 17.49 -12.73 -4.74
C GLY B 93 18.33 -13.96 -4.55
N PHE B 94 19.60 -13.76 -4.22
CA PHE B 94 20.47 -14.89 -3.95
C PHE B 94 21.62 -14.42 -3.10
N ALA B 95 22.02 -15.29 -2.17
CA ALA B 95 23.28 -15.18 -1.48
C ALA B 95 23.74 -16.59 -1.16
N PRO B 96 25.06 -16.83 -1.12
CA PRO B 96 25.57 -18.15 -0.76
C PRO B 96 25.00 -18.58 0.57
N LYS B 97 24.58 -19.83 0.65
CA LYS B 97 23.94 -20.37 1.85
C LYS B 97 24.73 -20.12 3.14
N GLU B 98 26.05 -20.30 3.08
CA GLU B 98 26.93 -20.17 4.26
C GLU B 98 26.89 -18.76 4.88
N ALA B 99 26.54 -17.75 4.07
CA ALA B 99 26.43 -16.37 4.55
C ALA B 99 25.07 -16.08 5.21
N LEU B 100 24.13 -17.02 5.12
CA LEU B 100 22.75 -16.81 5.58
C LEU B 100 22.38 -17.56 6.84
N SER B 101 23.36 -17.85 7.69
CA SER B 101 23.03 -18.33 9.02
C SER B 101 24.18 -18.07 9.98
N GLY B 102 23.83 -18.09 11.27
CA GLY B 102 24.80 -17.90 12.34
C GLY B 102 25.24 -16.46 12.48
N ASP B 103 26.41 -16.30 13.11
CA ASP B 103 26.95 -15.01 13.41
C ASP B 103 27.20 -14.17 12.13
N PHE B 104 26.72 -12.93 12.15
CA PHE B 104 26.72 -12.06 10.97
C PHE B 104 28.12 -11.84 10.41
N LEU B 105 29.04 -11.49 11.29
CA LEU B 105 30.41 -11.22 10.87
C LEU B 105 31.19 -12.47 10.52
N ASP B 106 31.02 -13.55 11.28
CA ASP B 106 31.69 -14.81 10.92
C ASP B 106 31.22 -15.34 9.57
N SER B 107 29.93 -15.18 9.29
CA SER B 107 29.36 -15.76 8.08
C SER B 107 29.60 -14.91 6.83
N ILE B 108 29.88 -13.62 7.00
CA ILE B 108 30.03 -12.74 5.85
C ILE B 108 31.40 -12.91 5.21
N SER B 109 31.46 -12.64 3.91
CA SER B 109 32.71 -12.54 3.18
C SER B 109 32.54 -11.54 2.03
N ARG B 110 33.64 -11.06 1.50
CA ARG B 110 33.63 -10.13 0.37
C ARG B 110 32.84 -10.71 -0.82
N GLU B 111 33.17 -11.94 -1.18
CA GLU B 111 32.54 -12.63 -2.31
C GLU B 111 31.03 -12.81 -2.12
N ALA B 112 30.62 -13.25 -0.94
CA ALA B 112 29.19 -13.45 -0.65
C ALA B 112 28.47 -12.10 -0.66
N PHE B 113 29.11 -11.07 -0.10
CA PHE B 113 28.55 -9.73 -0.15
C PHE B 113 28.33 -9.28 -1.59
N ASN B 114 29.37 -9.40 -2.41
CA ASN B 114 29.31 -8.96 -3.80
C ASN B 114 28.20 -9.68 -4.55
N THR B 115 28.18 -11.00 -4.45
CA THR B 115 27.17 -11.81 -5.11
C THR B 115 25.77 -11.43 -4.66
N ALA B 116 25.58 -11.31 -3.34
CA ALA B 116 24.25 -11.00 -2.80
C ALA B 116 23.72 -9.68 -3.31
N HIS B 117 24.57 -8.65 -3.33
CA HIS B 117 24.14 -7.33 -3.80
C HIS B 117 23.94 -7.29 -5.31
N GLU B 118 24.81 -7.96 -6.05
CA GLU B 118 24.72 -7.92 -7.49
C GLU B 118 23.44 -8.60 -7.99
N ILE B 119 23.17 -9.79 -7.47
CA ILE B 119 22.00 -10.57 -7.88
C ILE B 119 20.70 -10.05 -7.26
N SER B 120 20.75 -9.59 -6.01
CA SER B 120 19.53 -9.26 -5.27
C SER B 120 19.12 -7.79 -5.35
N ALA B 121 20.09 -6.89 -5.59
CA ALA B 121 19.83 -5.47 -5.56
C ALA B 121 20.11 -4.80 -6.91
N TYR B 122 21.32 -5.00 -7.44
CA TYR B 122 21.65 -4.38 -8.73
C TYR B 122 20.67 -4.82 -9.83
N SER B 123 20.18 -6.05 -9.73
CA SER B 123 19.24 -6.59 -10.71
C SER B 123 17.98 -5.74 -10.91
N LEU B 124 17.57 -4.99 -9.87
CA LEU B 124 16.38 -4.15 -10.00
C LEU B 124 16.64 -2.99 -10.98
N PRO B 125 17.62 -2.13 -10.70
CA PRO B 125 17.90 -1.10 -11.71
C PRO B 125 18.35 -1.65 -13.05
N ALA B 126 19.04 -2.78 -13.06
CA ALA B 126 19.46 -3.36 -14.33
C ALA B 126 18.24 -3.75 -15.16
N LEU B 127 17.26 -4.39 -14.54
CA LEU B 127 16.04 -4.77 -15.25
C LEU B 127 15.20 -3.55 -15.63
N ALA B 128 15.12 -2.56 -14.74
CA ALA B 128 14.33 -1.37 -15.02
C ALA B 128 14.93 -0.64 -16.22
N LYS B 129 16.26 -0.53 -16.22
CA LYS B 129 16.99 0.14 -17.29
C LYS B 129 16.76 -0.52 -18.64
N ALA B 130 16.88 -1.84 -18.65
CA ALA B 130 16.69 -2.60 -19.89
C ALA B 130 15.24 -2.57 -20.38
N ALA B 131 14.30 -2.47 -19.45
CA ALA B 131 12.88 -2.45 -19.77
C ALA B 131 12.38 -1.06 -20.14
N ARG B 132 13.21 -0.05 -19.89
CA ARG B 132 12.77 1.33 -19.96
C ARG B 132 12.14 1.72 -21.31
N PRO B 133 12.79 1.37 -22.44
CA PRO B 133 12.17 1.69 -23.73
C PRO B 133 10.77 1.11 -23.92
N MET B 134 10.55 -0.10 -23.43
CA MET B 134 9.25 -0.76 -23.51
C MET B 134 8.23 -0.24 -22.52
N MET B 135 8.68 0.33 -21.41
CA MET B 135 7.79 0.71 -20.33
C MET B 135 7.41 2.17 -20.33
N ARG B 136 8.28 3.03 -20.88
CA ARG B 136 8.08 4.46 -20.78
C ARG B 136 6.88 4.90 -21.59
N GLY B 137 6.16 5.86 -21.05
CA GLY B 137 4.99 6.41 -21.73
C GLY B 137 3.77 5.52 -21.69
N ARG B 138 3.82 4.41 -20.97
CA ARG B 138 2.71 3.45 -20.95
C ARG B 138 1.87 3.51 -19.66
N ASN B 139 2.23 4.38 -18.71
CA ASN B 139 1.63 4.36 -17.36
C ASN B 139 1.78 2.95 -16.80
N SER B 140 3.03 2.55 -16.72
CA SER B 140 3.41 1.19 -16.36
C SER B 140 3.95 1.13 -14.93
N ALA B 141 4.33 -0.05 -14.47
CA ALA B 141 4.70 -0.22 -13.08
C ALA B 141 5.69 -1.35 -12.85
N ILE B 142 6.57 -1.12 -11.89
CA ILE B 142 7.54 -2.11 -11.45
C ILE B 142 7.20 -2.41 -10.01
N VAL B 143 7.24 -3.70 -9.65
CA VAL B 143 7.14 -4.12 -8.26
C VAL B 143 8.30 -5.04 -7.91
N ALA B 144 8.94 -4.77 -6.77
CA ALA B 144 10.05 -5.60 -6.28
C ALA B 144 9.76 -6.10 -4.87
N LEU B 145 10.25 -7.32 -4.59
CA LEU B 145 10.05 -7.95 -3.29
C LEU B 145 11.23 -7.74 -2.37
N SER B 146 10.90 -7.31 -1.16
CA SER B 146 11.88 -7.08 -0.13
C SER B 146 11.47 -7.83 1.14
N TYR B 147 12.21 -7.58 2.20
CA TYR B 147 12.04 -8.29 3.44
C TYR B 147 12.54 -7.42 4.57
N LEU B 148 11.98 -7.64 5.75
CA LEU B 148 12.20 -6.82 6.94
C LEU B 148 13.67 -6.64 7.31
N GLY B 149 14.52 -7.61 6.96
CA GLY B 149 15.96 -7.50 7.12
C GLY B 149 16.59 -6.24 6.53
N ALA B 150 15.92 -5.62 5.55
CA ALA B 150 16.36 -4.33 5.00
C ALA B 150 16.48 -3.26 6.07
N VAL B 151 15.48 -3.19 6.93
CA VAL B 151 15.35 -2.09 7.88
C VAL B 151 15.46 -2.51 9.34
N ARG B 152 15.54 -3.82 9.63
CA ARG B 152 15.79 -4.29 11.01
C ARG B 152 16.90 -5.32 10.99
N ALA B 153 17.65 -5.40 12.08
CA ALA B 153 18.58 -6.50 12.29
C ALA B 153 17.76 -7.70 12.70
N ILE B 154 17.91 -8.80 11.96
CA ILE B 154 17.23 -10.04 12.26
C ILE B 154 18.20 -11.22 12.24
N PRO B 155 17.87 -12.29 12.96
CA PRO B 155 18.71 -13.48 12.91
C PRO B 155 18.74 -14.13 11.53
N ASN B 156 19.94 -14.56 11.13
CA ASN B 156 20.17 -15.48 10.00
C ASN B 156 20.09 -14.85 8.60
N TYR B 157 19.48 -13.67 8.47
CA TYR B 157 19.32 -13.06 7.15
C TYR B 157 20.65 -12.46 6.76
N ASN B 158 21.34 -11.89 7.75
CA ASN B 158 22.73 -11.48 7.61
C ASN B 158 22.95 -10.59 6.40
N VAL B 159 23.83 -10.97 5.48
CA VAL B 159 24.21 -10.08 4.39
C VAL B 159 23.04 -9.77 3.47
N MET B 160 22.05 -10.66 3.39
CA MET B 160 20.86 -10.40 2.57
C MET B 160 20.10 -9.17 3.06
N GLY B 161 20.22 -8.87 4.35
CA GLY B 161 19.64 -7.66 4.92
C GLY B 161 20.23 -6.43 4.27
N MET B 162 21.55 -6.42 4.14
CA MET B 162 22.24 -5.33 3.48
C MET B 162 21.81 -5.23 2.03
N ALA B 163 21.69 -6.37 1.35
CA ALA B 163 21.29 -6.39 -0.03
C ALA B 163 19.85 -5.88 -0.21
N LYS B 164 18.94 -6.27 0.68
CA LYS B 164 17.56 -5.78 0.61
C LYS B 164 17.46 -4.29 0.89
N ALA B 165 18.29 -3.78 1.79
CA ALA B 165 18.32 -2.34 2.07
C ALA B 165 18.75 -1.59 0.81
N SER B 166 19.77 -2.11 0.14
CA SER B 166 20.22 -1.60 -1.14
C SER B 166 19.09 -1.61 -2.17
N LEU B 167 18.37 -2.74 -2.24
CA LEU B 167 17.21 -2.86 -3.10
C LEU B 167 16.15 -1.79 -2.81
N GLU B 168 15.79 -1.63 -1.54
CA GLU B 168 14.75 -0.66 -1.18
C GLU B 168 15.15 0.76 -1.56
N ALA B 169 16.41 1.12 -1.37
CA ALA B 169 16.91 2.40 -1.89
C ALA B 169 16.80 2.45 -3.42
N GLY B 170 17.15 1.34 -4.08
CA GLY B 170 17.00 1.21 -5.53
C GLY B 170 15.58 1.46 -6.00
N ILE B 171 14.63 1.03 -5.20
CA ILE B 171 13.22 1.25 -5.52
C ILE B 171 12.90 2.74 -5.50
N ARG B 172 13.38 3.42 -4.46
CA ARG B 172 13.17 4.85 -4.34
C ARG B 172 13.83 5.61 -5.48
N PHE B 173 15.09 5.29 -5.77
CA PHE B 173 15.83 5.98 -6.82
C PHE B 173 15.25 5.71 -8.20
N THR B 174 14.84 4.47 -8.45
CA THR B 174 14.20 4.11 -9.70
C THR B 174 12.87 4.88 -9.86
N ALA B 175 12.07 4.92 -8.80
CA ALA B 175 10.82 5.68 -8.82
C ALA B 175 11.06 7.16 -9.15
N ALA B 176 12.06 7.75 -8.48
CA ALA B 176 12.37 9.16 -8.70
C ALA B 176 12.89 9.38 -10.12
N CYS B 177 13.57 8.37 -10.66
CA CYS B 177 14.11 8.43 -11.99
C CYS B 177 13.03 8.39 -13.06
N LEU B 178 12.10 7.45 -12.93
CA LEU B 178 11.19 7.13 -14.03
C LEU B 178 9.80 7.72 -13.94
N GLY B 179 9.49 8.38 -12.83
CA GLY B 179 8.15 8.89 -12.61
C GLY B 179 7.67 9.82 -13.73
N LYS B 180 8.56 10.70 -14.16
CA LYS B 180 8.23 11.66 -15.21
C LYS B 180 7.86 10.98 -16.55
N GLU B 181 8.45 9.81 -16.81
CA GLU B 181 8.09 9.00 -17.98
C GLU B 181 6.87 8.10 -17.79
N GLY B 182 6.19 8.22 -16.66
CA GLY B 182 4.99 7.43 -16.43
C GLY B 182 5.27 5.99 -16.02
N ILE B 183 6.40 5.75 -15.36
CA ILE B 183 6.70 4.42 -14.83
C ILE B 183 6.84 4.53 -13.32
N ARG B 184 6.06 3.70 -12.62
CA ARG B 184 6.11 3.65 -11.16
C ARG B 184 6.99 2.48 -10.71
N CYS B 185 7.55 2.61 -9.51
CA CYS B 185 8.37 1.55 -8.93
C CYS B 185 8.12 1.49 -7.43
N ASN B 186 7.64 0.32 -6.99
CA ASN B 186 7.24 0.12 -5.61
C ASN B 186 7.72 -1.22 -5.12
N GLY B 187 7.77 -1.36 -3.79
CA GLY B 187 8.17 -2.59 -3.18
C GLY B 187 7.11 -3.19 -2.28
N ILE B 188 7.23 -4.48 -2.06
CA ILE B 188 6.47 -5.17 -1.03
C ILE B 188 7.47 -5.82 -0.09
N SER B 189 7.37 -5.48 1.20
CA SER B 189 8.12 -6.18 2.22
C SER B 189 7.18 -7.25 2.75
N ALA B 190 7.44 -8.48 2.34
CA ALA B 190 6.58 -9.60 2.68
C ALA B 190 7.03 -10.24 3.98
N GLY B 191 6.07 -10.64 4.79
CA GLY B 191 6.36 -11.48 5.95
C GLY B 191 6.82 -12.86 5.50
N PRO B 192 7.32 -13.67 6.43
CA PRO B 192 7.75 -15.02 6.04
C PRO B 192 6.58 -15.88 5.57
N ILE B 193 6.86 -16.77 4.62
CA ILE B 193 5.87 -17.64 4.01
C ILE B 193 6.45 -19.05 3.84
N LYS B 194 5.59 -20.06 3.69
CA LYS B 194 6.04 -21.39 3.25
C LYS B 194 7.14 -21.35 2.17
N ASP B 203 15.33 -23.43 12.11
CA ASP B 203 14.55 -22.40 12.79
C ASP B 203 13.34 -21.88 12.00
N PHE B 204 13.16 -22.25 10.74
CA PHE B 204 12.14 -21.61 9.93
C PHE B 204 10.71 -21.86 10.42
N GLY B 205 10.43 -23.07 10.89
CA GLY B 205 9.13 -23.40 11.49
C GLY B 205 8.84 -22.52 12.71
N LYS B 206 9.88 -22.27 13.51
CA LYS B 206 9.74 -21.39 14.68
C LYS B 206 9.69 -19.88 14.35
N LEU B 207 10.34 -19.47 13.26
CA LEU B 207 10.19 -18.09 12.76
C LEU B 207 8.72 -17.82 12.45
N LEU B 208 8.13 -18.70 11.64
CA LEU B 208 6.73 -18.61 11.27
C LEU B 208 5.82 -18.56 12.49
N GLY B 209 6.10 -19.44 13.45
CA GLY B 209 5.37 -19.47 14.72
C GLY B 209 5.54 -18.19 15.52
N HIS B 210 6.77 -17.69 15.60
CA HIS B 210 7.03 -16.43 16.29
C HIS B 210 6.19 -15.29 15.69
N VAL B 211 6.13 -15.21 14.37
CA VAL B 211 5.43 -14.12 13.71
C VAL B 211 3.91 -14.23 13.92
N ALA B 212 3.38 -15.44 13.77
CA ALA B 212 1.96 -15.69 13.94
C ALA B 212 1.51 -15.44 15.38
N ALA B 213 2.41 -15.62 16.34
CA ALA B 213 2.07 -15.35 17.74
C ALA B 213 2.13 -13.85 18.05
N HIS B 214 2.88 -13.09 17.26
CA HIS B 214 3.20 -11.69 17.60
C HIS B 214 2.58 -10.60 16.72
N ASN B 215 2.15 -10.93 15.51
CA ASN B 215 1.61 -9.87 14.66
C ASN B 215 0.12 -9.59 14.98
N PRO B 216 -0.37 -8.40 14.64
CA PRO B 216 -1.76 -8.02 14.83
C PRO B 216 -2.77 -9.04 14.31
N LEU B 217 -2.53 -9.61 13.14
CA LEU B 217 -3.44 -10.63 12.58
C LEU B 217 -3.30 -12.02 13.22
N ARG B 218 -2.30 -12.22 14.06
CA ARG B 218 -2.08 -13.51 14.71
C ARG B 218 -2.04 -14.65 13.69
N ARG B 219 -1.40 -14.40 12.55
CA ARG B 219 -1.18 -15.44 11.57
C ARG B 219 -0.15 -14.97 10.54
N ASN B 220 0.40 -15.93 9.81
CA ASN B 220 1.30 -15.64 8.70
C ASN B 220 0.53 -15.22 7.47
N VAL B 221 1.17 -14.42 6.62
CA VAL B 221 0.56 -14.02 5.34
C VAL B 221 0.74 -15.13 4.28
N THR B 222 -0.06 -15.08 3.23
CA THR B 222 0.01 -16.06 2.15
C THR B 222 0.56 -15.44 0.87
N ILE B 223 0.94 -16.29 -0.10
CA ILE B 223 1.41 -15.80 -1.40
C ILE B 223 0.28 -15.11 -2.16
N GLU B 224 -0.96 -15.47 -1.83
CA GLU B 224 -2.14 -14.83 -2.43
C GLU B 224 -2.25 -13.37 -1.97
N GLU B 225 -2.00 -13.15 -0.69
CA GLU B 225 -2.04 -11.82 -0.09
C GLU B 225 -0.92 -10.94 -0.63
N VAL B 226 0.26 -11.50 -0.78
CA VAL B 226 1.38 -10.81 -1.43
C VAL B 226 1.04 -10.57 -2.91
N GLY B 227 0.52 -11.62 -3.55
CA GLY B 227 0.15 -11.55 -4.95
C GLY B 227 -0.88 -10.48 -5.27
N ASN B 228 -1.92 -10.40 -4.47
CA ASN B 228 -2.98 -9.41 -4.67
C ASN B 228 -2.50 -7.98 -4.46
N THR B 229 -1.59 -7.79 -3.52
CA THR B 229 -0.97 -6.48 -3.29
C THR B 229 -0.11 -6.09 -4.49
N ALA B 230 0.65 -7.05 -5.01
CA ALA B 230 1.42 -6.82 -6.22
C ALA B 230 0.51 -6.44 -7.39
N ALA B 231 -0.58 -7.18 -7.56
CA ALA B 231 -1.52 -6.90 -8.64
C ALA B 231 -2.04 -5.46 -8.53
N PHE B 232 -2.44 -5.06 -7.33
CA PHE B 232 -2.84 -3.67 -7.08
C PHE B 232 -1.74 -2.69 -7.47
N LEU B 233 -0.51 -2.94 -7.03
CA LEU B 233 0.61 -2.02 -7.29
C LEU B 233 1.05 -2.00 -8.77
N LEU B 234 0.68 -3.03 -9.52
CA LEU B 234 0.92 -3.10 -10.95
C LEU B 234 -0.24 -2.47 -11.73
N SER B 235 -1.39 -2.27 -11.07
CA SER B 235 -2.57 -1.70 -11.72
C SER B 235 -2.66 -0.16 -11.67
N ASP B 236 -3.55 0.40 -12.50
CA ASP B 236 -3.78 1.84 -12.52
C ASP B 236 -4.51 2.34 -11.27
N LEU B 237 -5.07 1.42 -10.50
CA LEU B 237 -5.68 1.76 -9.23
C LEU B 237 -4.68 2.39 -8.28
N SER B 238 -3.40 2.01 -8.43
CA SER B 238 -2.30 2.52 -7.60
C SER B 238 -1.50 3.65 -8.26
N SER B 239 -2.09 4.28 -9.28
CA SER B 239 -1.39 5.32 -10.08
C SER B 239 -0.87 6.50 -9.26
N GLY B 240 -1.40 6.71 -8.05
CA GLY B 240 -0.87 7.76 -7.17
C GLY B 240 0.28 7.35 -6.27
N ILE B 241 0.74 6.10 -6.42
CA ILE B 241 1.73 5.52 -5.48
C ILE B 241 3.01 5.15 -6.21
N THR B 242 4.13 5.67 -5.74
CA THR B 242 5.44 5.30 -6.27
C THR B 242 6.51 5.51 -5.20
N GLY B 243 7.56 4.69 -5.28
CA GLY B 243 8.66 4.72 -4.31
C GLY B 243 8.31 4.19 -2.93
N GLU B 244 7.18 3.49 -2.83
CA GLU B 244 6.63 3.02 -1.57
C GLU B 244 7.06 1.59 -1.31
N ILE B 245 7.36 1.27 -0.05
CA ILE B 245 7.48 -0.12 0.38
C ILE B 245 6.24 -0.46 1.21
N THR B 246 5.44 -1.38 0.72
CA THR B 246 4.22 -1.74 1.44
C THR B 246 4.44 -3.04 2.20
N TYR B 247 4.13 -3.02 3.50
CA TYR B 247 4.36 -4.19 4.33
C TYR B 247 3.15 -5.13 4.27
N VAL B 248 3.37 -6.30 3.66
CA VAL B 248 2.36 -7.38 3.69
C VAL B 248 2.86 -8.45 4.65
N ASP B 249 2.74 -8.15 5.95
CA ASP B 249 3.25 -9.02 7.00
C ASP B 249 2.25 -9.19 8.15
N GLY B 250 0.98 -8.87 7.89
CA GLY B 250 -0.07 -8.93 8.90
C GLY B 250 0.20 -7.99 10.06
N GLY B 251 0.89 -6.89 9.77
CA GLY B 251 1.16 -5.87 10.79
C GLY B 251 2.37 -6.13 11.64
N TYR B 252 3.12 -7.19 11.33
CA TYR B 252 4.25 -7.56 12.19
C TYR B 252 5.21 -6.40 12.49
N SER B 253 5.67 -5.72 11.46
CA SER B 253 6.73 -4.70 11.62
C SER B 253 6.31 -3.53 12.50
N ILE B 254 5.01 -3.30 12.63
CA ILE B 254 4.54 -2.14 13.40
C ILE B 254 4.23 -2.48 14.86
N ASN B 255 4.31 -3.77 15.22
CA ASN B 255 4.15 -4.22 16.62
C ASN B 255 5.49 -4.28 17.34
N ALA B 256 5.46 -4.09 18.65
CA ALA B 256 6.66 -4.29 19.46
C ALA B 256 6.27 -4.69 20.88
N LEU B 257 7.29 -5.09 21.65
CA LEU B 257 7.14 -5.48 23.05
C LEU B 257 6.05 -6.55 23.27
N SER B 258 5.94 -7.48 22.32
CA SER B 258 4.98 -8.58 22.45
C SER B 258 5.62 -9.64 23.34
N THR B 259 5.15 -9.71 24.58
CA THR B 259 5.70 -10.66 25.56
C THR B 259 5.22 -12.10 25.31
#